data_6S4E
#
_entry.id   6S4E
#
_cell.length_a   74.559
_cell.length_b   74.559
_cell.length_c   99.248
_cell.angle_alpha   90.00
_cell.angle_beta   90.00
_cell.angle_gamma   90.00
#
_symmetry.space_group_name_H-M   'I 4'
#
loop_
_entity.id
_entity.type
_entity.pdbx_description
1 polymer 'Bifunctional methylenetetrahydrofolate dehydrogenase/cyclohydrolase, mitochondrial'
2 non-polymer '(2S)-2-[[4-[[2,4-bis(azanyl)-6-oxidanylidene-1H-pyrimidin-5-yl]carbamoylamino]phenyl]carbonylamino]pentanedioic acid'
3 non-polymer 'PHOSPHATE ION'
4 non-polymer NICOTINAMIDE-ADENINE-DINUCLEOTIDE
5 water water
#
_entity_poly.entity_id   1
_entity_poly.type   'polypeptide(L)'
_entity_poly.pdbx_seq_one_letter_code
;MEAVVISGRKLAQQIKQEVRQEVEEWVASGNKRPHLSVILVGENPASHSYVLNKTRAAAVVGINSETIMKPASISEEELL
NLINKLNNDDNVDGLLVQLPLPEHIDERRICNAVSPDKDVDGFHVINVGRMCLDQYSMLPATPWGVWEIIKRTGIPTLGK
NVVVAGRSKNVGMPIAMLLHTDGAHERPGGDATVTISHRYTPKEQLKKHTILADIVISAAGIPNLITADMIKEGAAVIDV
GINRVHDPVTAKPKLVGDVDFEGVRQKAGYITPVPGGVGPMTVAMLMKNTIIAAKKVLRLEEREVLKSKELGVATN
;
_entity_poly.pdbx_strand_id   A
#
loop_
_chem_comp.id
_chem_comp.type
_chem_comp.name
_chem_comp.formula
9L9 non-polymer '(2S)-2-[[4-[[2,4-bis(azanyl)-6-oxidanylidene-1H-pyrimidin-5-yl]carbamoylamino]phenyl]carbonylamino]pentanedioic acid' 'C17 H19 N7 O7'
NAD non-polymer NICOTINAMIDE-ADENINE-DINUCLEOTIDE 'C21 H27 N7 O14 P2'
PO4 non-polymer 'PHOSPHATE ION' 'O4 P -3'
#
# COMPACT_ATOMS: atom_id res chain seq x y z
N MET A 1 11.64 -25.74 10.19
CA MET A 1 12.36 -24.91 9.18
C MET A 1 12.59 -23.51 9.75
N GLU A 2 13.74 -22.90 9.45
CA GLU A 2 14.02 -21.50 9.83
C GLU A 2 13.66 -20.54 8.69
N ALA A 3 12.58 -19.78 8.86
CA ALA A 3 12.14 -18.78 7.88
C ALA A 3 13.16 -17.63 7.80
N VAL A 4 13.45 -17.17 6.57
CA VAL A 4 14.10 -15.89 6.33
C VAL A 4 13.13 -14.75 6.72
N VAL A 5 13.55 -13.90 7.64
CA VAL A 5 12.72 -12.79 8.08
C VAL A 5 13.04 -11.60 7.18
N ILE A 6 12.08 -11.19 6.34
CA ILE A 6 12.33 -10.13 5.35
C ILE A 6 12.24 -8.76 6.03
N SER A 7 13.29 -7.95 5.91
CA SER A 7 13.29 -6.62 6.49
C SER A 7 12.69 -5.62 5.52
N GLY A 8 11.44 -5.19 5.77
CA GLY A 8 10.84 -4.14 4.98
C GLY A 8 11.58 -2.83 5.11
N ARG A 9 12.26 -2.59 6.23
CA ARG A 9 12.95 -1.33 6.47
C ARG A 9 14.18 -1.23 5.57
N LYS A 10 14.91 -2.33 5.45
CA LYS A 10 16.08 -2.39 4.58
C LYS A 10 15.67 -2.24 3.10
N LEU A 11 14.65 -2.99 2.68
CA LEU A 11 14.16 -2.84 1.31
C LEU A 11 13.69 -1.41 1.04
N ALA A 12 12.94 -0.81 1.96
CA ALA A 12 12.48 0.56 1.74
C ALA A 12 13.67 1.56 1.65
N GLN A 13 14.75 1.35 2.44
CA GLN A 13 15.96 2.19 2.33
C GLN A 13 16.54 2.14 0.90
N GLN A 14 16.59 0.95 0.32
CA GLN A 14 17.06 0.77 -1.07
C GLN A 14 16.18 1.58 -2.04
N ILE A 15 14.86 1.51 -1.92
CA ILE A 15 13.93 2.21 -2.81
C ILE A 15 14.06 3.73 -2.62
N LYS A 16 14.19 4.16 -1.39
CA LYS A 16 14.34 5.60 -1.10
C LYS A 16 15.66 6.16 -1.66
N GLN A 17 16.74 5.37 -1.60
CA GLN A 17 18.02 5.76 -2.20
C GLN A 17 17.84 5.94 -3.72
N GLU A 18 17.04 5.09 -4.39
CA GLU A 18 16.81 5.22 -5.84
C GLU A 18 16.00 6.48 -6.16
N VAL A 19 14.95 6.74 -5.37
CA VAL A 19 14.14 7.91 -5.57
C VAL A 19 14.99 9.17 -5.36
N ARG A 20 15.79 9.24 -4.28
CA ARG A 20 16.63 10.43 -4.02
C ARG A 20 17.55 10.74 -5.21
N GLN A 21 18.15 9.72 -5.82
CA GLN A 21 19.05 9.95 -6.95
C GLN A 21 18.28 10.58 -8.12
N GLU A 22 17.10 10.05 -8.40
CA GLU A 22 16.27 10.55 -9.49
C GLU A 22 15.86 12.01 -9.22
N VAL A 23 15.42 12.29 -7.98
CA VAL A 23 15.05 13.66 -7.62
C VAL A 23 16.26 14.59 -7.72
N GLU A 24 17.41 14.21 -7.18
CA GLU A 24 18.55 15.17 -7.14
C GLU A 24 19.09 15.45 -8.56
N GLU A 25 19.06 14.47 -9.47
CA GLU A 25 19.43 14.69 -10.90
C GLU A 25 18.43 15.66 -11.57
N TRP A 26 17.13 15.47 -11.32
CA TRP A 26 16.07 16.34 -11.86
C TRP A 26 16.24 17.80 -11.39
N VAL A 27 16.51 18.02 -10.09
CA VAL A 27 16.69 19.39 -9.49
C VAL A 27 18.05 19.98 -9.91
N ALA A 28 19.10 19.15 -10.01
CA ALA A 28 20.43 19.67 -10.40
C ALA A 28 20.36 20.39 -11.75
N SER A 29 19.56 19.82 -12.65
CA SER A 29 19.38 20.33 -14.02
C SER A 29 18.47 21.56 -14.06
N GLY A 30 17.85 21.91 -12.94
CA GLY A 30 17.06 23.14 -12.90
C GLY A 30 15.56 22.90 -13.01
N ASN A 31 15.11 21.66 -12.92
CA ASN A 31 13.65 21.41 -12.91
C ASN A 31 13.07 21.67 -11.51
N LYS A 32 11.77 21.93 -11.43
CA LYS A 32 11.08 22.18 -10.14
C LYS A 32 11.21 20.96 -9.20
N ARG A 33 11.52 21.18 -7.93
CA ARG A 33 11.56 20.10 -6.91
C ARG A 33 10.14 19.52 -6.74
N PRO A 34 10.00 18.20 -6.63
CA PRO A 34 8.61 17.67 -6.57
C PRO A 34 7.91 18.08 -5.26
N HIS A 35 6.57 18.12 -5.27
CA HIS A 35 5.80 18.59 -4.08
C HIS A 35 4.56 17.71 -3.86
N LEU A 36 4.41 17.26 -2.62
CA LEU A 36 3.27 16.40 -2.17
C LEU A 36 2.47 17.14 -1.08
N SER A 37 1.17 17.25 -1.29
CA SER A 37 0.22 17.83 -0.34
C SER A 37 -0.61 16.71 0.30
N VAL A 38 -0.65 16.68 1.64
CA VAL A 38 -1.48 15.76 2.49
C VAL A 38 -2.54 16.57 3.24
N ILE A 39 -3.84 16.20 3.09
CA ILE A 39 -4.91 16.75 3.92
C ILE A 39 -5.25 15.76 5.04
N LEU A 40 -5.13 16.23 6.31
CA LEU A 40 -5.39 15.38 7.48
C LEU A 40 -6.54 15.98 8.31
N VAL A 41 -7.62 15.22 8.45
CA VAL A 41 -8.84 15.71 9.14
C VAL A 41 -8.97 14.99 10.48
N GLY A 42 -9.18 15.75 11.54
CA GLY A 42 -9.40 15.20 12.90
C GLY A 42 -8.10 14.88 13.63
N GLU A 43 -8.24 14.09 14.70
CA GLU A 43 -7.20 13.96 15.73
C GLU A 43 -6.87 12.49 15.98
N ASN A 44 -7.13 11.61 15.02
CA ASN A 44 -6.80 10.19 15.22
C ASN A 44 -5.28 10.01 15.35
N PRO A 45 -4.80 9.46 16.48
CA PRO A 45 -3.34 9.40 16.67
C PRO A 45 -2.59 8.49 15.67
N ALA A 46 -3.22 7.41 15.20
CA ALA A 46 -2.53 6.54 14.28
C ALA A 46 -2.42 7.24 12.94
N SER A 47 -3.46 7.97 12.54
CA SER A 47 -3.47 8.73 11.29
C SER A 47 -2.33 9.78 11.31
N HIS A 48 -2.21 10.49 12.42
CA HIS A 48 -1.15 11.51 12.58
C HIS A 48 0.25 10.85 12.50
N SER A 49 0.43 9.71 13.13
CA SER A 49 1.70 8.96 13.08
C SER A 49 2.01 8.47 11.65
N TYR A 50 1.01 7.97 10.88
CA TYR A 50 1.30 7.51 9.49
C TYR A 50 1.68 8.67 8.58
N VAL A 51 1.04 9.81 8.77
CA VAL A 51 1.28 10.98 7.93
C VAL A 51 2.69 11.54 8.25
N LEU A 52 3.09 11.57 9.50
CA LEU A 52 4.48 11.92 9.86
C LEU A 52 5.51 11.01 9.14
N ASN A 53 5.28 9.70 9.12
CA ASN A 53 6.21 8.78 8.46
C ASN A 53 6.33 9.15 6.98
N LYS A 54 5.19 9.51 6.38
CA LYS A 54 5.12 9.91 4.96
C LYS A 54 5.89 11.21 4.70
N THR A 55 5.77 12.21 5.59
CA THR A 55 6.39 13.52 5.26
C THR A 55 7.90 13.51 5.57
N ARG A 56 8.33 12.68 6.53
CA ARG A 56 9.75 12.47 6.83
C ARG A 56 10.44 11.72 5.68
N ALA A 57 9.75 10.73 5.10
CA ALA A 57 10.31 10.00 4.02
C ALA A 57 10.47 10.95 2.83
N ALA A 58 9.48 11.83 2.60
CA ALA A 58 9.60 12.80 1.52
C ALA A 58 10.84 13.67 1.75
N ALA A 59 11.02 14.19 2.98
CA ALA A 59 12.17 15.06 3.33
C ALA A 59 13.50 14.38 2.94
N VAL A 60 13.65 13.13 3.31
CA VAL A 60 14.90 12.42 3.12
C VAL A 60 15.19 12.10 1.65
N VAL A 61 14.19 12.06 0.74
CA VAL A 61 14.45 11.80 -0.67
C VAL A 61 14.40 13.10 -1.47
N GLY A 62 14.31 14.29 -0.84
CA GLY A 62 14.35 15.57 -1.57
C GLY A 62 13.00 16.04 -2.13
N ILE A 63 11.88 15.52 -1.59
CA ILE A 63 10.52 15.95 -2.01
C ILE A 63 9.97 16.95 -0.97
N ASN A 64 9.53 18.13 -1.41
CA ASN A 64 8.88 19.10 -0.50
C ASN A 64 7.49 18.56 -0.14
N SER A 65 7.05 18.76 1.11
CA SER A 65 5.73 18.28 1.55
C SER A 65 5.02 19.33 2.41
N GLU A 66 3.69 19.34 2.35
CA GLU A 66 2.87 20.16 3.27
C GLU A 66 1.75 19.28 3.84
N THR A 67 1.52 19.40 5.13
CA THR A 67 0.40 18.76 5.83
C THR A 67 -0.65 19.82 6.17
N ILE A 68 -1.84 19.71 5.60
CA ILE A 68 -2.94 20.65 5.89
C ILE A 68 -3.88 20.03 6.92
N MET A 69 -3.91 20.61 8.13
CA MET A 69 -4.67 20.09 9.25
C MET A 69 -6.05 20.77 9.24
N LYS A 70 -7.11 19.99 9.28
CA LYS A 70 -8.50 20.52 9.37
C LYS A 70 -9.27 19.86 10.52
N PRO A 71 -10.21 20.57 11.16
CA PRO A 71 -11.01 19.96 12.25
C PRO A 71 -12.04 18.93 11.72
N ALA A 72 -12.40 17.96 12.57
CA ALA A 72 -13.36 16.92 12.23
C ALA A 72 -14.73 17.52 11.87
N SER A 73 -14.95 18.78 12.27
CA SER A 73 -16.21 19.49 12.05
C SER A 73 -16.32 20.07 10.63
N ILE A 74 -15.28 20.05 9.81
CA ILE A 74 -15.32 20.61 8.43
C ILE A 74 -16.47 19.99 7.61
N SER A 75 -17.15 20.78 6.76
CA SER A 75 -18.19 20.26 5.86
C SER A 75 -17.61 19.60 4.60
N GLU A 76 -18.43 18.77 3.95
CA GLU A 76 -18.04 18.16 2.66
C GLU A 76 -17.68 19.26 1.65
N GLU A 77 -18.49 20.33 1.60
CA GLU A 77 -18.34 21.45 0.63
C GLU A 77 -17.00 22.17 0.84
N GLU A 78 -16.64 22.45 2.10
CA GLU A 78 -15.37 23.10 2.38
C GLU A 78 -14.20 22.20 1.93
N LEU A 79 -14.29 20.89 2.16
CA LEU A 79 -13.16 19.99 1.87
C LEU A 79 -12.99 19.88 0.34
N LEU A 80 -14.10 19.85 -0.39
CA LEU A 80 -14.10 19.83 -1.89
C LEU A 80 -13.49 21.13 -2.46
N ASN A 81 -13.85 22.26 -1.87
CA ASN A 81 -13.27 23.56 -2.19
C ASN A 81 -11.75 23.55 -2.11
N LEU A 82 -11.21 23.07 -0.99
CA LEU A 82 -9.77 23.00 -0.77
C LEU A 82 -9.11 22.06 -1.81
N ILE A 83 -9.75 20.93 -2.13
CA ILE A 83 -9.17 19.99 -3.14
C ILE A 83 -9.10 20.67 -4.54
N ASN A 84 -10.12 21.45 -4.92
CA ASN A 84 -10.17 22.18 -6.22
C ASN A 84 -8.99 23.16 -6.34
N LYS A 85 -8.65 23.86 -5.24
CA LYS A 85 -7.51 24.76 -5.25
C LYS A 85 -6.18 24.02 -5.43
N LEU A 86 -6.00 22.90 -4.74
CA LEU A 86 -4.75 22.11 -4.87
C LEU A 86 -4.65 21.47 -6.26
N ASN A 87 -5.76 20.98 -6.79
CA ASN A 87 -5.83 20.44 -8.17
C ASN A 87 -5.35 21.50 -9.20
N ASN A 88 -5.70 22.76 -9.01
CA ASN A 88 -5.38 23.83 -9.99
C ASN A 88 -3.98 24.45 -9.78
N ASP A 89 -3.28 24.12 -8.69
CA ASP A 89 -1.97 24.66 -8.39
C ASP A 89 -0.84 23.84 -9.07
N ASP A 90 -0.12 24.47 -10.02
CA ASP A 90 0.88 23.76 -10.82
C ASP A 90 2.13 23.41 -10.02
N ASN A 91 2.33 23.96 -8.83
CA ASN A 91 3.44 23.51 -7.99
C ASN A 91 3.13 22.15 -7.37
N VAL A 92 1.84 21.79 -7.24
CA VAL A 92 1.45 20.59 -6.49
C VAL A 92 1.41 19.40 -7.46
N ASP A 93 2.28 18.43 -7.26
CA ASP A 93 2.39 17.26 -8.16
C ASP A 93 1.51 16.08 -7.70
N GLY A 94 1.53 15.82 -6.38
CA GLY A 94 0.66 14.77 -5.77
C GLY A 94 -0.21 15.32 -4.65
N LEU A 95 -1.43 14.77 -4.55
CA LEU A 95 -2.41 15.17 -3.56
C LEU A 95 -3.05 13.91 -2.95
N LEU A 96 -3.09 13.80 -1.61
CA LEU A 96 -3.84 12.69 -0.99
C LEU A 96 -4.53 13.13 0.31
N VAL A 97 -5.65 12.46 0.58
CA VAL A 97 -6.46 12.70 1.73
C VAL A 97 -6.37 11.44 2.61
N GLN A 98 -5.80 11.57 3.80
CA GLN A 98 -5.64 10.44 4.70
C GLN A 98 -7.02 9.95 5.15
N LEU A 99 -7.25 8.63 5.09
CA LEU A 99 -8.50 8.02 5.56
C LEU A 99 -8.22 7.34 6.90
N PRO A 100 -9.21 7.16 7.76
CA PRO A 100 -10.62 7.48 7.50
C PRO A 100 -11.05 8.94 7.81
N LEU A 101 -12.16 9.35 7.16
CA LEU A 101 -12.76 10.67 7.38
C LEU A 101 -13.93 10.53 8.36
N PRO A 102 -14.40 11.65 8.95
CA PRO A 102 -15.60 11.62 9.80
C PRO A 102 -16.82 11.01 9.09
N GLU A 103 -17.74 10.48 9.89
CA GLU A 103 -18.94 9.79 9.40
C GLU A 103 -19.78 10.69 8.50
N HIS A 104 -19.82 11.99 8.74
CA HIS A 104 -20.69 12.83 7.95
C HIS A 104 -20.11 13.08 6.56
N ILE A 105 -18.88 12.65 6.25
CA ILE A 105 -18.28 12.89 4.95
C ILE A 105 -18.29 11.62 4.11
N ASP A 106 -18.71 11.73 2.85
CA ASP A 106 -18.73 10.59 1.89
C ASP A 106 -17.31 10.41 1.27
N GLU A 107 -16.60 9.39 1.70
CA GLU A 107 -15.21 9.16 1.31
C GLU A 107 -15.06 8.97 -0.20
N ARG A 108 -15.99 8.29 -0.83
CA ARG A 108 -15.97 8.03 -2.25
C ARG A 108 -15.99 9.31 -3.08
N ARG A 109 -16.88 10.25 -2.72
CA ARG A 109 -16.99 11.54 -3.37
C ARG A 109 -15.69 12.34 -3.23
N ILE A 110 -15.09 12.27 -2.05
CA ILE A 110 -13.84 12.95 -1.81
C ILE A 110 -12.70 12.33 -2.66
N CYS A 111 -12.55 11.02 -2.67
CA CYS A 111 -11.51 10.36 -3.47
C CYS A 111 -11.68 10.69 -4.98
N ASN A 112 -12.92 10.82 -5.46
CA ASN A 112 -13.20 11.13 -6.89
C ASN A 112 -13.00 12.62 -7.23
N ALA A 113 -12.76 13.47 -6.23
CA ALA A 113 -12.56 14.92 -6.44
C ALA A 113 -11.07 15.22 -6.75
N VAL A 114 -10.17 14.37 -6.27
CA VAL A 114 -8.72 14.50 -6.49
C VAL A 114 -8.43 14.30 -7.99
N SER A 115 -7.66 15.18 -8.62
CA SER A 115 -7.36 15.02 -10.04
C SER A 115 -6.64 13.69 -10.29
N PRO A 116 -7.09 12.93 -11.30
CA PRO A 116 -6.49 11.61 -11.51
C PRO A 116 -4.99 11.65 -11.82
N ASP A 117 -4.50 12.74 -12.42
CA ASP A 117 -3.07 12.91 -12.65
C ASP A 117 -2.23 13.19 -11.40
N LYS A 118 -2.88 13.63 -10.29
CA LYS A 118 -2.22 13.92 -9.00
C LYS A 118 -2.60 12.90 -7.92
N ASP A 119 -3.33 11.87 -8.32
CA ASP A 119 -3.92 10.90 -7.39
C ASP A 119 -2.92 9.83 -7.02
N VAL A 120 -1.96 10.18 -6.17
CA VAL A 120 -0.83 9.30 -5.80
C VAL A 120 -1.30 8.14 -4.91
N ASP A 121 -2.51 8.15 -4.34
CA ASP A 121 -3.02 6.93 -3.68
C ASP A 121 -3.66 5.89 -4.66
N GLY A 122 -3.99 6.29 -5.88
CA GLY A 122 -4.68 5.44 -6.82
C GLY A 122 -6.13 5.19 -6.46
N PHE A 123 -6.80 6.09 -5.72
CA PHE A 123 -8.17 5.81 -5.21
C PHE A 123 -9.29 6.37 -6.12
N HIS A 124 -9.02 7.26 -7.05
CA HIS A 124 -10.05 7.80 -7.97
C HIS A 124 -10.60 6.65 -8.86
N VAL A 125 -11.90 6.66 -9.11
CA VAL A 125 -12.61 5.58 -9.89
C VAL A 125 -11.96 5.33 -11.26
N ILE A 126 -11.32 6.33 -11.88
CA ILE A 126 -10.67 6.14 -13.19
C ILE A 126 -9.39 5.34 -12.99
N ASN A 127 -8.65 5.65 -11.94
CA ASN A 127 -7.45 4.91 -11.62
C ASN A 127 -7.84 3.48 -11.25
N VAL A 128 -8.95 3.29 -10.55
CA VAL A 128 -9.38 1.91 -10.17
C VAL A 128 -9.76 1.14 -11.46
N GLY A 129 -10.57 1.75 -12.33
CA GLY A 129 -10.96 1.10 -13.59
C GLY A 129 -9.77 0.74 -14.46
N ARG A 130 -8.82 1.69 -14.61
CA ARG A 130 -7.60 1.44 -15.44
C ARG A 130 -6.80 0.25 -14.87
N MET A 131 -6.67 0.20 -13.56
CA MET A 131 -5.94 -0.87 -12.88
C MET A 131 -6.63 -2.23 -13.14
N CYS A 132 -7.96 -2.27 -13.07
CA CYS A 132 -8.71 -3.54 -13.29
C CYS A 132 -8.71 -3.97 -14.77
N LEU A 133 -8.34 -3.10 -15.71
CA LEU A 133 -8.16 -3.40 -17.17
C LEU A 133 -6.67 -3.62 -17.54
N ASP A 134 -5.78 -3.59 -16.55
CA ASP A 134 -4.32 -3.80 -16.73
C ASP A 134 -3.69 -2.70 -17.65
N GLN A 135 -4.21 -1.47 -17.54
CA GLN A 135 -3.70 -0.28 -18.23
C GLN A 135 -2.71 0.48 -17.32
N TYR A 136 -1.81 1.31 -17.88
CA TYR A 136 -0.96 2.23 -17.08
C TYR A 136 -1.82 3.01 -16.09
N SER A 137 -1.42 3.04 -14.82
CA SER A 137 -2.24 3.77 -13.82
C SER A 137 -1.40 4.11 -12.58
N MET A 138 -1.92 5.00 -11.71
CA MET A 138 -1.32 5.22 -10.39
C MET A 138 -1.71 4.08 -9.44
N LEU A 139 -0.80 3.19 -9.03
CA LEU A 139 -1.18 2.03 -8.19
C LEU A 139 -1.20 2.46 -6.71
N PRO A 140 -2.18 1.95 -5.94
CA PRO A 140 -2.27 2.14 -4.48
C PRO A 140 -0.98 1.65 -3.80
N ALA A 141 -0.49 2.43 -2.84
CA ALA A 141 0.87 2.26 -2.26
C ALA A 141 1.01 0.93 -1.50
N THR A 142 0.03 0.52 -0.68
CA THR A 142 0.21 -0.73 0.09
C THR A 142 0.25 -1.94 -0.85
N PRO A 143 -0.72 -2.06 -1.77
CA PRO A 143 -0.59 -3.18 -2.66
C PRO A 143 0.69 -3.16 -3.54
N TRP A 144 1.15 -2.00 -4.03
CA TRP A 144 2.43 -1.97 -4.79
C TRP A 144 3.60 -2.38 -3.87
N GLY A 145 3.52 -2.06 -2.58
CA GLY A 145 4.56 -2.42 -1.61
C GLY A 145 4.71 -3.92 -1.46
N VAL A 146 3.57 -4.58 -1.34
CA VAL A 146 3.49 -6.04 -1.22
C VAL A 146 4.12 -6.68 -2.46
N TRP A 147 3.76 -6.14 -3.63
CA TRP A 147 4.32 -6.59 -4.92
C TRP A 147 5.84 -6.45 -4.91
N GLU A 148 6.39 -5.29 -4.47
CA GLU A 148 7.86 -5.08 -4.48
C GLU A 148 8.57 -6.02 -3.48
N ILE A 149 7.98 -6.29 -2.31
CA ILE A 149 8.58 -7.24 -1.35
C ILE A 149 8.82 -8.60 -2.04
N ILE A 150 7.80 -9.08 -2.76
CA ILE A 150 7.84 -10.35 -3.49
C ILE A 150 8.88 -10.31 -4.61
N LYS A 151 8.87 -9.27 -5.43
CA LYS A 151 9.77 -9.23 -6.60
C LYS A 151 11.23 -9.02 -6.16
N ARG A 152 11.50 -8.10 -5.24
CA ARG A 152 12.91 -7.77 -4.88
C ARG A 152 13.54 -8.93 -4.07
N THR A 153 12.75 -9.74 -3.38
CA THR A 153 13.25 -10.92 -2.67
C THR A 153 13.50 -12.08 -3.66
N GLY A 154 12.94 -12.00 -4.85
CA GLY A 154 13.14 -13.02 -5.87
C GLY A 154 12.19 -14.19 -5.77
N ILE A 155 11.01 -14.00 -5.14
CA ILE A 155 9.97 -15.05 -5.04
C ILE A 155 9.13 -15.11 -6.33
N PRO A 156 9.07 -16.29 -6.98
CA PRO A 156 8.30 -16.47 -8.24
C PRO A 156 6.78 -16.41 -8.02
N THR A 157 6.03 -15.92 -9.01
CA THR A 157 4.60 -15.85 -8.95
C THR A 157 3.96 -16.61 -10.12
N LEU A 158 4.61 -16.72 -11.28
CA LEU A 158 3.98 -17.28 -12.48
C LEU A 158 3.67 -18.76 -12.25
N GLY A 159 2.41 -19.09 -12.42
CA GLY A 159 1.88 -20.45 -12.15
C GLY A 159 1.82 -20.85 -10.69
N LYS A 160 2.05 -19.94 -9.72
CA LYS A 160 2.05 -20.31 -8.30
C LYS A 160 0.69 -20.01 -7.66
N ASN A 161 0.42 -20.67 -6.55
CA ASN A 161 -0.84 -20.54 -5.80
C ASN A 161 -0.71 -19.41 -4.75
N VAL A 162 -1.68 -18.49 -4.78
CA VAL A 162 -1.69 -17.35 -3.86
C VAL A 162 -3.04 -17.26 -3.15
N VAL A 163 -3.01 -17.09 -1.84
CA VAL A 163 -4.24 -16.80 -1.11
C VAL A 163 -4.14 -15.41 -0.49
N VAL A 164 -5.21 -14.60 -0.70
CA VAL A 164 -5.35 -13.27 -0.10
C VAL A 164 -6.51 -13.34 0.90
N ALA A 165 -6.23 -13.04 2.17
CA ALA A 165 -7.26 -12.93 3.20
C ALA A 165 -7.67 -11.46 3.35
N GLY A 166 -8.83 -11.09 2.82
CA GLY A 166 -9.31 -9.73 2.86
C GLY A 166 -9.76 -9.28 1.48
N ARG A 167 -10.84 -8.49 1.37
CA ARG A 167 -11.34 -8.02 0.03
C ARG A 167 -11.58 -6.50 -0.01
N SER A 168 -10.95 -5.75 0.91
CA SER A 168 -11.16 -4.27 0.95
C SER A 168 -10.68 -3.61 -0.36
N LYS A 169 -11.38 -2.55 -0.77
CA LYS A 169 -11.15 -1.90 -2.10
C LYS A 169 -9.79 -1.17 -2.16
N ASN A 170 -9.19 -0.83 -1.02
CA ASN A 170 -7.88 -0.13 -0.96
C ASN A 170 -6.72 -1.11 -0.73
N VAL A 171 -6.99 -2.36 -0.30
CA VAL A 171 -5.85 -3.27 -0.02
C VAL A 171 -6.04 -4.65 -0.65
N GLY A 172 -6.99 -5.44 -0.15
CA GLY A 172 -7.12 -6.87 -0.55
C GLY A 172 -7.47 -7.07 -2.03
N MET A 173 -8.44 -6.31 -2.55
CA MET A 173 -8.88 -6.42 -3.99
C MET A 173 -7.75 -6.03 -4.96
N PRO A 174 -7.07 -4.89 -4.73
CA PRO A 174 -5.97 -4.57 -5.64
C PRO A 174 -4.79 -5.55 -5.59
N ILE A 175 -4.47 -6.11 -4.43
CA ILE A 175 -3.42 -7.13 -4.31
C ILE A 175 -3.78 -8.34 -5.17
N ALA A 176 -5.02 -8.80 -5.03
CA ALA A 176 -5.54 -9.91 -5.84
C ALA A 176 -5.50 -9.57 -7.35
N MET A 177 -5.80 -8.33 -7.74
CA MET A 177 -5.84 -7.91 -9.14
C MET A 177 -4.41 -7.93 -9.75
N LEU A 178 -3.45 -7.33 -9.05
CA LEU A 178 -2.04 -7.32 -9.50
C LEU A 178 -1.49 -8.74 -9.62
N LEU A 179 -1.73 -9.61 -8.63
CA LEU A 179 -1.01 -10.90 -8.65
C LEU A 179 -1.59 -11.87 -9.69
N HIS A 180 -2.88 -11.82 -10.06
CA HIS A 180 -3.47 -12.83 -11.01
C HIS A 180 -3.37 -12.42 -12.50
N THR A 181 -2.97 -11.19 -12.82
CA THR A 181 -3.14 -10.70 -14.21
C THR A 181 -1.90 -10.96 -15.12
N ASP A 182 -2.10 -10.76 -16.41
CA ASP A 182 -1.15 -11.15 -17.47
C ASP A 182 0.19 -10.35 -17.45
N GLY A 183 1.34 -11.04 -17.44
CA GLY A 183 2.64 -10.37 -17.46
C GLY A 183 2.92 -9.62 -18.77
N ALA A 184 2.16 -9.85 -19.83
CA ALA A 184 2.43 -9.17 -21.10
C ALA A 184 1.60 -7.88 -21.27
N HIS A 185 0.71 -7.56 -20.33
CA HIS A 185 -0.17 -6.36 -20.52
C HIS A 185 0.59 -5.07 -20.21
N GLU A 186 -0.04 -3.94 -20.57
CA GLU A 186 0.50 -2.60 -20.37
C GLU A 186 1.10 -2.46 -18.96
N ARG A 187 0.27 -2.67 -17.95
CA ARG A 187 0.74 -2.84 -16.57
C ARG A 187 0.79 -4.35 -16.34
N PRO A 188 2.00 -4.96 -16.26
CA PRO A 188 2.13 -6.39 -16.11
C PRO A 188 1.60 -6.85 -14.76
N GLY A 189 1.03 -8.04 -14.76
CA GLY A 189 0.67 -8.74 -13.52
C GLY A 189 1.56 -9.93 -13.25
N GLY A 190 1.22 -10.69 -12.22
CA GLY A 190 2.09 -11.75 -11.68
C GLY A 190 1.79 -13.16 -12.22
N ASP A 191 0.71 -13.33 -12.96
CA ASP A 191 0.30 -14.64 -13.57
C ASP A 191 0.15 -15.78 -12.50
N ALA A 192 -0.25 -15.45 -11.27
CA ALA A 192 -0.51 -16.46 -10.22
C ALA A 192 -1.99 -16.88 -10.23
N THR A 193 -2.24 -18.07 -9.70
CA THR A 193 -3.58 -18.57 -9.41
C THR A 193 -4.04 -18.04 -8.05
N VAL A 194 -5.06 -17.17 -7.99
CA VAL A 194 -5.37 -16.38 -6.77
C VAL A 194 -6.75 -16.70 -6.20
N THR A 195 -6.79 -17.00 -4.89
CA THR A 195 -8.05 -17.16 -4.06
C THR A 195 -8.26 -15.92 -3.19
N ILE A 196 -9.43 -15.31 -3.23
CA ILE A 196 -9.81 -14.28 -2.31
C ILE A 196 -10.86 -14.80 -1.31
N SER A 197 -10.57 -14.51 -0.05
CA SER A 197 -11.34 -14.89 1.16
C SER A 197 -11.68 -13.63 1.97
N HIS A 198 -12.61 -13.73 2.92
CA HIS A 198 -13.20 -12.55 3.54
C HIS A 198 -14.00 -12.96 4.80
N ARG A 199 -14.79 -12.04 5.35
CA ARG A 199 -15.41 -12.23 6.66
C ARG A 199 -16.43 -13.40 6.60
N TYR A 200 -16.97 -13.75 5.43
CA TYR A 200 -17.93 -14.87 5.37
C TYR A 200 -17.27 -16.16 4.90
N THR A 201 -15.94 -16.21 4.76
CA THR A 201 -15.27 -17.45 4.49
C THR A 201 -15.19 -18.26 5.81
N PRO A 202 -15.81 -19.47 5.89
CA PRO A 202 -15.59 -20.27 7.10
C PRO A 202 -14.12 -20.60 7.35
N LYS A 203 -13.69 -20.62 8.61
CA LYS A 203 -12.26 -20.93 8.94
C LYS A 203 -11.79 -22.27 8.35
N GLU A 204 -12.62 -23.29 8.39
CA GLU A 204 -12.30 -24.56 7.74
C GLU A 204 -12.01 -24.42 6.24
N GLN A 205 -12.72 -23.54 5.52
CA GLN A 205 -12.45 -23.39 4.09
C GLN A 205 -11.22 -22.50 3.89
N LEU A 206 -10.94 -21.55 4.79
CA LEU A 206 -9.75 -20.75 4.63
C LEU A 206 -8.55 -21.70 4.71
N LYS A 207 -8.54 -22.58 5.73
CA LYS A 207 -7.45 -23.54 5.91
C LYS A 207 -7.25 -24.45 4.69
N LYS A 208 -8.32 -24.98 4.09
CA LYS A 208 -8.16 -25.90 2.97
C LYS A 208 -7.51 -25.19 1.76
N HIS A 209 -7.63 -23.88 1.66
CA HIS A 209 -6.99 -23.11 0.56
C HIS A 209 -5.55 -22.71 0.91
N THR A 210 -5.31 -22.33 2.15
CA THR A 210 -3.98 -21.78 2.50
C THR A 210 -2.96 -22.93 2.50
N ILE A 211 -3.37 -24.15 2.86
CA ILE A 211 -2.40 -25.29 2.81
C ILE A 211 -1.95 -25.57 1.36
N LEU A 212 -2.63 -25.10 0.32
CA LEU A 212 -2.15 -25.26 -1.09
C LEU A 212 -1.22 -24.11 -1.56
N ALA A 213 -1.18 -23.01 -0.81
CA ALA A 213 -0.58 -21.75 -1.24
C ALA A 213 0.96 -21.78 -1.14
N ASP A 214 1.60 -21.32 -2.21
CA ASP A 214 2.97 -20.88 -2.21
C ASP A 214 3.19 -19.50 -1.55
N ILE A 215 2.18 -18.63 -1.60
CA ILE A 215 2.23 -17.29 -0.99
C ILE A 215 0.88 -17.04 -0.31
N VAL A 216 0.93 -16.62 0.95
CA VAL A 216 -0.25 -16.22 1.71
C VAL A 216 -0.09 -14.76 2.09
N ILE A 217 -1.07 -13.95 1.72
CA ILE A 217 -1.05 -12.52 2.01
C ILE A 217 -2.25 -12.18 2.93
N SER A 218 -1.99 -11.78 4.18
CA SER A 218 -3.12 -11.52 5.09
C SER A 218 -3.35 -10.02 5.27
N ALA A 219 -4.56 -9.55 4.89
CA ALA A 219 -4.94 -8.14 5.02
C ALA A 219 -6.36 -8.05 5.59
N ALA A 220 -6.59 -8.73 6.71
CA ALA A 220 -7.90 -8.88 7.35
C ALA A 220 -8.06 -8.00 8.61
N GLY A 221 -6.99 -7.71 9.35
CA GLY A 221 -7.10 -7.01 10.64
C GLY A 221 -7.66 -7.89 11.74
N ILE A 222 -7.15 -9.11 11.86
CA ILE A 222 -7.58 -10.08 12.87
C ILE A 222 -6.32 -10.72 13.45
N PRO A 223 -6.01 -10.48 14.74
CA PRO A 223 -4.81 -11.10 15.33
C PRO A 223 -4.90 -12.63 15.32
N ASN A 224 -3.77 -13.27 15.00
CA ASN A 224 -3.63 -14.71 14.98
C ASN A 224 -4.59 -15.37 13.97
N LEU A 225 -5.02 -14.66 12.92
CA LEU A 225 -5.81 -15.30 11.88
C LEU A 225 -5.02 -16.45 11.23
N ILE A 226 -3.74 -16.23 10.92
CA ILE A 226 -2.86 -17.24 10.25
C ILE A 226 -1.90 -17.91 11.26
N THR A 227 -2.02 -19.22 11.38
CA THR A 227 -1.26 -20.04 12.34
C THR A 227 -0.52 -21.15 11.59
N ALA A 228 0.47 -21.77 12.24
CA ALA A 228 1.43 -22.66 11.58
C ALA A 228 0.76 -23.85 10.87
N ASP A 229 -0.31 -24.40 11.44
CA ASP A 229 -1.01 -25.53 10.85
C ASP A 229 -1.73 -25.22 9.50
N MET A 230 -1.87 -23.93 9.19
CA MET A 230 -2.56 -23.50 7.95
C MET A 230 -1.58 -23.30 6.79
N ILE A 231 -0.27 -23.41 7.03
CA ILE A 231 0.81 -23.04 6.07
C ILE A 231 1.55 -24.29 5.59
N LYS A 232 1.80 -24.39 4.28
CA LYS A 232 2.67 -25.46 3.78
C LYS A 232 4.14 -25.03 3.96
N GLU A 233 4.98 -26.01 4.25
CA GLU A 233 6.39 -25.81 4.59
C GLU A 233 7.08 -25.05 3.45
N GLY A 234 7.83 -23.99 3.75
CA GLY A 234 8.57 -23.28 2.70
C GLY A 234 7.79 -22.17 2.00
N ALA A 235 6.54 -21.94 2.37
CA ALA A 235 5.70 -20.87 1.76
C ALA A 235 6.19 -19.47 2.17
N ALA A 236 5.91 -18.46 1.34
CA ALA A 236 6.10 -17.06 1.75
C ALA A 236 4.81 -16.51 2.40
N VAL A 237 4.96 -15.86 3.58
CA VAL A 237 3.83 -15.29 4.34
C VAL A 237 4.06 -13.77 4.55
N ILE A 238 3.17 -12.96 3.95
CA ILE A 238 3.25 -11.49 3.99
C ILE A 238 2.11 -10.93 4.88
N ASP A 239 2.47 -10.22 5.95
CA ASP A 239 1.53 -9.76 6.97
C ASP A 239 1.22 -8.28 6.74
N VAL A 240 0.04 -7.99 6.23
CA VAL A 240 -0.33 -6.59 5.94
C VAL A 240 -1.20 -6.07 7.09
N GLY A 241 -1.58 -6.93 8.04
CA GLY A 241 -2.37 -6.51 9.21
C GLY A 241 -1.60 -5.58 10.13
N ILE A 242 -2.34 -4.65 10.76
CA ILE A 242 -1.81 -3.80 11.84
C ILE A 242 -2.90 -3.66 12.91
N ASN A 243 -2.72 -4.38 14.02
CA ASN A 243 -3.74 -4.54 15.04
C ASN A 243 -3.23 -4.05 16.40
N ARG A 244 -3.95 -3.10 17.01
CA ARG A 244 -3.66 -2.61 18.38
C ARG A 244 -4.41 -3.47 19.40
N VAL A 245 -3.70 -4.29 20.17
CA VAL A 245 -4.35 -5.16 21.17
C VAL A 245 -3.86 -4.76 22.57
N HIS A 246 -4.68 -5.06 23.58
CA HIS A 246 -4.32 -4.91 25.00
C HIS A 246 -3.95 -6.29 25.57
N PRO A 253 -1.07 -2.81 25.88
CA PRO A 253 -1.36 -1.97 24.71
C PRO A 253 -0.25 -2.11 23.67
N LYS A 254 -0.50 -2.91 22.61
CA LYS A 254 0.56 -3.48 21.77
C LYS A 254 0.14 -3.48 20.28
N LEU A 255 1.13 -3.53 19.40
CA LEU A 255 0.89 -3.66 17.95
C LEU A 255 1.19 -5.11 17.52
N VAL A 256 0.25 -5.76 16.81
CA VAL A 256 0.55 -7.09 16.24
C VAL A 256 -0.05 -7.17 14.83
N GLY A 257 0.38 -8.18 14.07
CA GLY A 257 -0.15 -8.37 12.73
C GLY A 257 -1.28 -9.39 12.72
N ASP A 258 -1.66 -9.85 11.52
CA ASP A 258 -2.62 -10.94 11.39
C ASP A 258 -1.99 -12.32 11.58
N VAL A 259 -0.67 -12.41 11.53
CA VAL A 259 0.02 -13.71 11.51
C VAL A 259 0.55 -14.00 12.92
N ASP A 260 0.40 -15.23 13.40
CA ASP A 260 1.07 -15.64 14.64
C ASP A 260 2.56 -15.83 14.28
N PHE A 261 3.33 -14.75 14.38
CA PHE A 261 4.72 -14.74 13.84
C PHE A 261 5.52 -15.86 14.50
N GLU A 262 5.45 -15.90 15.82
CA GLU A 262 6.29 -16.85 16.58
C GLU A 262 5.99 -18.31 16.16
N GLY A 263 4.74 -18.67 15.84
CA GLY A 263 4.47 -20.03 15.34
C GLY A 263 4.85 -20.22 13.88
N VAL A 264 4.51 -19.26 13.02
CA VAL A 264 4.62 -19.46 11.55
C VAL A 264 6.10 -19.39 11.13
N ARG A 265 6.95 -18.68 11.89
CA ARG A 265 8.41 -18.58 11.60
C ARG A 265 9.06 -19.97 11.61
N GLN A 266 8.40 -20.97 12.18
CA GLN A 266 8.95 -22.34 12.32
C GLN A 266 8.52 -23.23 11.13
N LYS A 267 7.74 -22.70 10.18
CA LYS A 267 7.14 -23.54 9.08
C LYS A 267 7.32 -22.85 7.71
N ALA A 268 7.24 -21.51 7.65
CA ALA A 268 7.38 -20.75 6.40
C ALA A 268 8.84 -20.68 5.92
N GLY A 269 9.02 -20.37 4.64
CA GLY A 269 10.35 -20.11 4.05
C GLY A 269 10.73 -18.63 4.16
N TYR A 270 9.69 -17.78 4.15
CA TYR A 270 9.88 -16.35 4.23
C TYR A 270 8.73 -15.73 5.02
N ILE A 271 9.02 -14.72 5.83
CA ILE A 271 7.97 -14.10 6.68
C ILE A 271 8.30 -12.61 6.89
N THR A 272 7.28 -11.74 6.84
CA THR A 272 7.50 -10.31 7.16
C THR A 272 7.00 -10.05 8.59
N PRO A 273 7.75 -9.24 9.35
CA PRO A 273 7.39 -8.86 10.72
C PRO A 273 6.45 -7.64 10.76
N VAL A 274 5.77 -7.48 11.89
CA VAL A 274 4.95 -6.29 12.18
C VAL A 274 5.34 -5.83 13.58
N PRO A 275 5.81 -4.61 13.77
CA PRO A 275 6.11 -3.62 12.72
C PRO A 275 7.39 -3.97 11.94
N GLY A 276 7.69 -3.19 10.91
CA GLY A 276 8.96 -3.26 10.18
C GLY A 276 8.88 -4.07 8.90
N GLY A 277 7.67 -4.39 8.43
CA GLY A 277 7.53 -5.18 7.17
C GLY A 277 6.90 -4.35 6.06
N VAL A 278 5.57 -4.49 5.89
CA VAL A 278 4.86 -3.86 4.77
C VAL A 278 4.75 -2.36 5.03
N GLY A 279 4.64 -1.96 6.29
CA GLY A 279 4.47 -0.54 6.66
C GLY A 279 5.47 0.42 5.99
N PRO A 280 6.80 0.19 6.19
CA PRO A 280 7.84 1.04 5.53
C PRO A 280 7.78 0.96 4.00
N MET A 281 7.32 -0.18 3.45
CA MET A 281 7.20 -0.34 1.96
C MET A 281 6.03 0.47 1.40
N THR A 282 4.90 0.62 2.12
CA THR A 282 3.81 1.53 1.75
C THR A 282 4.34 2.95 1.53
N VAL A 283 5.13 3.43 2.48
CA VAL A 283 5.66 4.79 2.47
C VAL A 283 6.62 4.97 1.28
N ALA A 284 7.54 4.01 1.07
CA ALA A 284 8.51 4.09 -0.05
C ALA A 284 7.81 4.15 -1.41
N MET A 285 6.77 3.33 -1.62
CA MET A 285 6.11 3.28 -2.95
C MET A 285 5.29 4.57 -3.20
N LEU A 286 4.76 5.19 -2.12
CA LEU A 286 4.18 6.53 -2.24
C LEU A 286 5.20 7.54 -2.82
N MET A 287 6.46 7.48 -2.38
CA MET A 287 7.50 8.40 -2.90
C MET A 287 7.70 8.16 -4.39
N LYS A 288 7.71 6.89 -4.82
CA LYS A 288 7.83 6.57 -6.26
C LYS A 288 6.63 7.15 -7.04
N ASN A 289 5.41 6.98 -6.54
CA ASN A 289 4.22 7.57 -7.23
C ASN A 289 4.34 9.10 -7.37
N THR A 290 4.93 9.78 -6.39
CA THR A 290 5.04 11.25 -6.43
C THR A 290 6.06 11.72 -7.50
N ILE A 291 7.20 11.05 -7.64
CA ILE A 291 8.15 11.41 -8.71
C ILE A 291 7.51 11.12 -10.09
N ILE A 292 6.76 10.03 -10.21
CA ILE A 292 6.00 9.75 -11.43
C ILE A 292 5.00 10.86 -11.73
N ALA A 293 4.24 11.34 -10.73
CA ALA A 293 3.27 12.44 -11.00
C ALA A 293 4.01 13.72 -11.41
N ALA A 294 5.14 13.99 -10.81
CA ALA A 294 5.87 15.27 -11.05
C ALA A 294 6.47 15.34 -12.46
N LYS A 295 6.93 14.20 -12.98
CA LYS A 295 7.52 14.12 -14.33
C LYS A 295 6.45 14.07 -15.43
N LYS A 296 5.17 13.95 -15.08
CA LYS A 296 4.07 14.05 -16.04
C LYS A 296 4.20 12.99 -17.13
N VAL A 297 4.64 11.77 -16.79
CA VAL A 297 4.80 10.69 -17.79
C VAL A 297 3.58 9.77 -17.80
N LEU A 298 2.54 10.07 -17.02
CA LEU A 298 1.37 9.20 -16.95
C LEU A 298 0.09 10.06 -16.97
N2A 9L9 B . -5.28 8.11 1.73
N1 9L9 B . -5.24 6.75 3.70
C2 9L9 B . -4.75 7.08 2.48
N3 9L9 B . -3.69 6.37 1.87
C4 9L9 B . -3.15 5.28 2.58
O4A 9L9 B . -2.19 4.73 1.94
N5A 9L9 B . -3.10 3.91 4.49
C5 9L9 B . -3.68 4.89 3.85
C6 9L9 B . -4.74 5.66 4.40
N7 9L9 B . -5.20 5.30 5.65
O8A 9L9 B . -1.34 5.25 5.37
N9 9L9 B . -1.29 3.02 5.95
C1B 9L9 B . -0.11 3.00 6.70
C2B 9L9 B . 0.06 2.05 7.68
C3B 9L9 B . 1.25 1.99 8.44
C4B 9L9 B . 2.33 2.88 8.20
C5B 9L9 B . 2.18 3.80 7.18
C6B 9L9 B . 0.97 3.88 6.42
C7B 9L9 B . 3.68 2.76 8.99
O7B 9L9 B . 4.48 3.71 8.82
CAW 9L9 B . -1.86 4.09 5.31
N 9L9 B . 3.99 1.60 9.67
CA 9L9 B . 5.25 1.29 10.41
C 9L9 B . 5.40 -0.25 10.37
OXT 9L9 B . 6.55 -0.82 10.56
CB 9L9 B . 5.15 1.85 11.85
CG 9L9 B . 3.94 1.36 12.66
CD 9L9 B . 3.38 2.40 13.68
OE1 9L9 B . 3.89 3.60 13.86
OE2 9L9 B . 2.33 2.13 14.39
O 9L9 B . 4.40 -1.05 10.16
P PO4 C . -16.11 -6.02 3.55
O1 PO4 C . -16.25 -7.49 3.91
O2 PO4 C . -14.77 -5.79 2.86
O3 PO4 C . -17.19 -5.51 2.62
O4 PO4 C . -16.29 -5.28 4.86
P PO4 D . -3.85 -4.45 -21.80
O1 PO4 D . -4.35 -5.41 -20.76
O2 PO4 D . -2.37 -4.45 -21.93
O3 PO4 D . -4.45 -4.97 -23.11
O4 PO4 D . -4.37 -3.02 -21.57
P PO4 E . 3.64 -3.43 -12.05
O1 PO4 E . 4.77 -4.43 -12.01
O2 PO4 E . 3.09 -3.31 -10.65
O3 PO4 E . 2.58 -3.92 -13.00
O4 PO4 E . 4.12 -2.13 -12.63
P PO4 F . -9.18 7.08 -19.22
O1 PO4 F . -8.73 5.66 -19.45
O2 PO4 F . -7.96 7.97 -18.96
O3 PO4 F . -10.03 7.06 -17.98
O4 PO4 F . -9.97 7.62 -20.39
PA NAD G . -10.73 -3.47 6.53
O1A NAD G . -11.03 -3.62 8.03
O2A NAD G . -11.77 -2.89 5.58
O5B NAD G . -10.38 -4.96 6.00
C5B NAD G . -11.09 -6.05 6.54
C4B NAD G . -11.16 -7.03 5.41
O4B NAD G . -10.82 -8.30 5.97
C3B NAD G . -12.56 -7.14 4.83
O3B NAD G . -12.43 -7.27 3.45
C2B NAD G . -13.17 -8.38 5.49
O2B NAD G . -14.27 -9.09 4.81
C1B NAD G . -11.91 -9.22 5.76
N9A NAD G . -12.08 -10.19 6.89
C8A NAD G . -12.62 -9.94 8.09
N7A NAD G . -12.63 -11.09 8.84
C5A NAD G . -12.06 -12.08 8.13
C6A NAD G . -11.76 -13.52 8.34
N6A NAD G . -12.10 -14.09 9.51
N1A NAD G . -11.16 -14.23 7.34
C2A NAD G . -10.84 -13.63 6.19
N3A NAD G . -11.10 -12.30 5.96
C4A NAD G . -11.71 -11.48 6.84
O3 NAD G . -9.32 -2.66 6.38
PN NAD G . -8.11 -2.83 5.29
O1N NAD G . -7.84 -1.42 4.78
O2N NAD G . -8.38 -3.94 4.29
O5D NAD G . -6.87 -3.33 6.18
C5D NAD G . -7.00 -4.54 6.93
C4D NAD G . -5.73 -4.74 7.73
O4D NAD G . -4.70 -4.16 6.93
C3D NAD G . -5.76 -3.98 9.07
O3D NAD G . -5.08 -4.66 10.13
C2D NAD G . -5.01 -2.70 8.79
O2D NAD G . -4.39 -2.17 9.98
C1D NAD G . -4.01 -3.18 7.72
N1N NAD G . -3.36 -2.13 6.90
C2N NAD G . -2.03 -2.17 6.81
C3N NAD G . -1.31 -1.24 6.07
C7N NAD G . 0.21 -1.40 6.03
O7N NAD G . 0.74 -2.35 6.60
N7N NAD G . 0.96 -0.51 5.40
C4N NAD G . -2.01 -0.24 5.44
C5N NAD G . -3.39 -0.18 5.55
C6N NAD G . -4.05 -1.15 6.29
#